data_1U8L
#
_entry.id   1U8L
#
_cell.length_a   58.000
_cell.length_b   65.000
_cell.length_c   175.600
_cell.angle_alpha   90.00
_cell.angle_beta   90.00
_cell.angle_gamma   90.00
#
_symmetry.space_group_name_H-M   'P 21 21 21'
#
loop_
_entity.id
_entity.type
_entity.pdbx_description
1 polymer 'ANTIBODY 2F5 (LIGHT CHAIN)'
2 polymer 'ANTIBODY 2F5 (HEAVY CHAIN)'
3 polymer 'GP41 PEPTIDE'
4 water water
#
loop_
_entity_poly.entity_id
_entity_poly.type
_entity_poly.pdbx_seq_one_letter_code
_entity_poly.pdbx_strand_id
1 'polypeptide(L)'
;ALQLTQSPSSLSASVGDRITITCRASQGVTSALAWYRQKPGSPPQLLIYDASSLESGVPSRFSGSGSGTEFTLTISTLRP
EDFATYYCQQLHFYPHTFGGGTRVDVRRTVAAPSVFIFPPSDEQLKSGTASVVCLLNNFYPREAKVQWKVDNALQSGNSQ
ESVTEQDSKDSTYSLSSTLTLSKADYEKHKVYECEVTHQGLSSPVTKSFNRGEC
;
A
2 'polypeptide(L)'
;RITLKESGPPLVKPTQTLTLTCSFSGFSLSDFGVGVGWIRQPPGKALEWLAIIYSDDDKRYSPSLNTRLTITKDTSKNQV
VLVMTRVSPVDTATYFCAHRRGPTTLFGVPIARGPVNAMDVWGQGITVTISSTSTKGPSVFPLAPSSKSTAGAAAALGCL
VKDYFPEPVTVSWNSGALTSGVHTFPAVLQSSGLYSLSSVVTVPSSSLGTQTYTCNVNHKPSNTKVDKRVEPKSC
;
B
3 'polypeptide(L)' DLDRWAS C
#
# COMPACT_ATOMS: atom_id res chain seq x y z
N ALA A 1 -13.73 2.07 19.22
CA ALA A 1 -12.55 2.52 20.02
C ALA A 1 -12.04 3.94 19.68
N LEU A 2 -10.89 4.25 20.30
CA LEU A 2 -10.19 5.50 20.15
C LEU A 2 -9.84 5.75 18.69
N GLN A 3 -10.06 6.96 18.23
CA GLN A 3 -9.79 7.32 16.86
C GLN A 3 -8.60 8.28 16.78
N LEU A 4 -7.70 8.07 15.82
CA LEU A 4 -6.55 8.93 15.56
C LEU A 4 -6.66 9.40 14.13
N THR A 5 -6.89 10.68 13.95
CA THR A 5 -7.06 11.23 12.62
C THR A 5 -5.87 12.06 12.18
N GLN A 6 -5.16 11.70 11.10
CA GLN A 6 -4.01 12.52 10.66
C GLN A 6 -4.43 13.56 9.65
N SER A 7 -3.76 14.71 9.61
CA SER A 7 -4.06 15.71 8.59
C SER A 7 -2.76 16.32 8.16
N PRO A 8 -2.58 16.55 6.84
CA PRO A 8 -3.58 16.21 5.83
C PRO A 8 -3.28 14.77 5.51
N SER A 9 -4.17 14.11 4.77
CA SER A 9 -3.90 12.74 4.42
C SER A 9 -2.75 12.70 3.38
N SER A 10 -2.65 13.72 2.54
CA SER A 10 -1.61 13.78 1.51
C SER A 10 -1.08 15.22 1.48
N LEU A 11 0.18 15.42 1.12
CA LEU A 11 0.74 16.74 1.17
C LEU A 11 1.85 16.84 0.18
N SER A 12 1.89 17.92 -0.60
CA SER A 12 2.99 18.06 -1.59
C SER A 12 4.00 19.10 -1.08
N ALA A 13 5.27 18.91 -1.40
CA ALA A 13 6.28 19.82 -0.90
C ALA A 13 7.55 19.71 -1.69
N SER A 14 8.49 20.62 -1.45
CA SER A 14 9.75 20.56 -2.16
C SER A 14 10.89 20.52 -1.17
N VAL A 15 12.05 20.06 -1.61
CA VAL A 15 13.22 19.98 -0.78
C VAL A 15 13.46 21.39 -0.19
N GLY A 16 13.72 21.46 1.11
CA GLY A 16 13.91 22.72 1.77
C GLY A 16 12.64 23.22 2.41
N ASP A 17 11.47 22.69 2.08
CA ASP A 17 10.31 23.25 2.78
C ASP A 17 10.19 22.81 4.26
N ARG A 18 9.31 23.50 4.98
CA ARG A 18 9.02 23.20 6.34
C ARG A 18 7.64 22.63 6.27
N ILE A 19 7.41 21.43 6.77
CA ILE A 19 6.06 20.90 6.74
C ILE A 19 5.65 20.49 8.13
N THR A 20 4.34 20.42 8.36
CA THR A 20 3.94 20.01 9.65
C THR A 20 2.74 19.16 9.39
N ILE A 21 2.71 18.00 10.07
CA ILE A 21 1.67 17.00 9.94
C ILE A 21 1.00 16.99 11.31
N THR A 22 -0.30 16.86 11.36
CA THR A 22 -0.92 16.86 12.67
C THR A 22 -1.76 15.59 12.92
N CYS A 23 -1.93 15.20 14.19
CA CYS A 23 -2.66 13.99 14.51
C CYS A 23 -3.54 14.31 15.71
N ARG A 24 -4.82 14.02 15.60
CA ARG A 24 -5.79 14.34 16.64
C ARG A 24 -6.44 13.07 17.15
N ALA A 25 -6.55 12.94 18.48
CA ALA A 25 -7.14 11.76 19.07
C ALA A 25 -8.55 12.04 19.57
N SER A 26 -9.42 11.05 19.50
CA SER A 26 -10.81 11.23 19.96
C SER A 26 -10.98 11.40 21.47
N GLN A 27 -10.01 10.90 22.25
CA GLN A 27 -9.97 10.99 23.72
C GLN A 27 -8.50 11.29 24.02
N GLY A 28 -8.21 11.91 25.15
CA GLY A 28 -6.83 12.25 25.49
C GLY A 28 -5.92 11.05 25.67
N VAL A 29 -4.73 11.10 25.10
CA VAL A 29 -3.75 10.03 25.19
C VAL A 29 -2.50 10.50 25.95
N THR A 30 -2.64 11.57 26.74
CA THR A 30 -1.53 12.13 27.49
C THR A 30 -0.37 12.38 26.54
N SER A 31 0.86 11.96 26.87
CA SER A 31 1.98 12.16 25.97
C SER A 31 2.39 10.86 25.24
N ALA A 32 1.56 9.82 25.35
CA ALA A 32 1.91 8.51 24.79
C ALA A 32 1.62 8.43 23.28
N LEU A 33 2.47 9.09 22.51
CA LEU A 33 2.27 9.16 21.10
C LEU A 33 3.59 9.13 20.39
N ALA A 34 3.65 8.39 19.30
CA ALA A 34 4.91 8.27 18.59
C ALA A 34 4.73 8.61 17.11
N TRP A 35 5.78 9.15 16.49
CA TRP A 35 5.73 9.42 15.05
C TRP A 35 6.71 8.56 14.32
N TYR A 36 6.34 8.12 13.13
CA TYR A 36 7.20 7.27 12.29
C TYR A 36 7.21 7.76 10.87
N ARG A 37 8.30 7.46 10.17
CA ARG A 37 8.42 7.78 8.77
C ARG A 37 8.61 6.41 8.09
N GLN A 38 7.88 6.18 7.01
CA GLN A 38 8.04 4.90 6.32
C GLN A 38 8.27 5.17 4.84
N LYS A 39 9.40 4.71 4.36
CA LYS A 39 9.74 4.89 2.97
C LYS A 39 9.21 3.67 2.22
N PRO A 40 8.89 3.84 0.94
CA PRO A 40 8.39 2.69 0.19
C PRO A 40 9.29 1.46 0.33
N GLY A 41 8.67 0.29 0.44
CA GLY A 41 9.41 -0.96 0.59
C GLY A 41 10.15 -1.21 1.92
N SER A 42 10.08 -0.27 2.85
CA SER A 42 10.77 -0.44 4.13
C SER A 42 9.82 -0.42 5.32
N PRO A 43 10.30 -0.85 6.50
CA PRO A 43 9.45 -0.83 7.69
C PRO A 43 9.35 0.62 8.22
N PRO A 44 8.38 0.91 9.05
CA PRO A 44 8.30 2.27 9.58
C PRO A 44 9.56 2.53 10.44
N GLN A 45 10.02 3.78 10.54
CA GLN A 45 11.17 4.06 11.38
C GLN A 45 10.73 5.10 12.40
N LEU A 46 11.06 4.85 13.66
CA LEU A 46 10.72 5.73 14.78
C LEU A 46 11.45 7.08 14.65
N LEU A 47 10.72 8.19 14.74
CA LEU A 47 11.32 9.53 14.69
C LEU A 47 11.24 10.16 16.06
N ILE A 48 10.03 10.18 16.63
CA ILE A 48 9.71 10.86 17.89
C ILE A 48 8.90 9.93 18.77
N TYR A 49 9.32 9.79 20.04
CA TYR A 49 8.60 8.97 21.02
C TYR A 49 8.12 9.86 22.16
N ASP A 50 7.06 9.42 22.85
CA ASP A 50 6.55 10.19 23.98
C ASP A 50 6.24 11.63 23.55
N ALA A 51 5.53 11.78 22.42
CA ALA A 51 5.09 13.09 21.83
C ALA A 51 6.15 14.08 21.41
N SER A 52 7.26 14.18 22.14
CA SER A 52 8.23 15.16 21.73
C SER A 52 9.68 14.76 21.85
N SER A 53 10.00 13.56 22.38
CA SER A 53 11.42 13.21 22.54
C SER A 53 12.03 12.77 21.20
N LEU A 54 13.24 13.25 20.89
CA LEU A 54 13.85 12.91 19.63
C LEU A 54 14.51 11.56 19.78
N GLU A 55 14.16 10.62 18.93
CA GLU A 55 14.75 9.29 19.01
C GLU A 55 16.21 9.37 18.63
N SER A 56 17.03 8.57 19.32
CA SER A 56 18.45 8.56 19.09
C SER A 56 18.86 8.21 17.65
N GLY A 57 19.67 9.07 17.04
CA GLY A 57 20.12 8.81 15.69
C GLY A 57 19.21 9.42 14.67
N VAL A 58 18.11 10.05 15.12
CA VAL A 58 17.19 10.68 14.20
C VAL A 58 17.63 12.15 14.00
N PRO A 59 17.69 12.60 12.76
CA PRO A 59 18.11 13.99 12.50
C PRO A 59 17.28 15.07 13.16
N SER A 60 17.99 16.11 13.60
CA SER A 60 17.36 17.20 14.34
C SER A 60 16.31 18.00 13.59
N ARG A 61 16.23 17.92 12.27
CA ARG A 61 15.16 18.66 11.59
C ARG A 61 13.77 18.14 11.96
N PHE A 62 13.72 16.97 12.62
CA PHE A 62 12.41 16.43 12.98
C PHE A 62 12.05 16.87 14.36
N SER A 63 10.82 17.32 14.52
CA SER A 63 10.41 17.78 15.81
C SER A 63 8.97 17.40 16.12
N GLY A 64 8.70 17.03 17.36
CA GLY A 64 7.32 16.74 17.71
C GLY A 64 6.85 17.52 18.93
N SER A 65 5.61 18.01 18.92
CA SER A 65 5.04 18.71 20.06
C SER A 65 3.55 18.34 20.26
N GLY A 66 2.99 18.79 21.38
CA GLY A 66 1.60 18.53 21.72
C GLY A 66 1.44 17.42 22.77
N SER A 67 0.23 17.34 23.34
CA SER A 67 -0.15 16.33 24.35
C SER A 67 -1.69 16.30 24.43
N GLY A 68 -2.29 15.30 25.08
CA GLY A 68 -3.76 15.27 25.13
C GLY A 68 -4.42 14.75 23.87
N THR A 69 -5.00 15.64 23.05
CA THR A 69 -5.67 15.22 21.84
C THR A 69 -5.11 15.78 20.56
N GLU A 70 -4.11 16.64 20.65
CA GLU A 70 -3.58 17.23 19.43
C GLU A 70 -2.07 17.22 19.37
N PHE A 71 -1.48 16.62 18.32
CA PHE A 71 -0.06 16.50 18.18
C PHE A 71 0.35 16.92 16.79
N THR A 72 1.58 17.36 16.68
CA THR A 72 2.15 17.80 15.43
C THR A 72 3.61 17.34 15.29
N LEU A 73 3.96 17.01 14.07
CA LEU A 73 5.32 16.60 13.69
C LEU A 73 5.74 17.69 12.70
N THR A 74 6.90 18.30 12.88
CA THR A 74 7.26 19.21 11.85
C THR A 74 8.63 18.85 11.41
N ILE A 75 8.87 18.94 10.11
CA ILE A 75 10.17 18.65 9.58
C ILE A 75 10.53 20.08 9.16
N SER A 76 11.61 20.61 9.71
CA SER A 76 11.93 22.01 9.44
C SER A 76 12.50 22.27 8.04
N THR A 77 13.39 21.41 7.56
CA THR A 77 13.99 21.56 6.23
C THR A 77 13.90 20.19 5.52
N LEU A 78 12.81 19.98 4.75
CA LEU A 78 12.62 18.71 4.04
C LEU A 78 13.79 18.26 3.18
N ARG A 79 14.25 17.03 3.37
CA ARG A 79 15.34 16.47 2.59
C ARG A 79 14.73 15.42 1.62
N PRO A 80 15.43 15.01 0.53
CA PRO A 80 14.86 14.02 -0.39
C PRO A 80 14.35 12.72 0.25
N GLU A 81 15.05 12.22 1.25
CA GLU A 81 14.61 11.01 1.93
C GLU A 81 13.31 11.18 2.72
N ASP A 82 12.78 12.41 2.84
CA ASP A 82 11.58 12.64 3.59
C ASP A 82 10.30 12.51 2.78
N PHE A 83 10.45 12.24 1.49
CA PHE A 83 9.30 12.07 0.62
C PHE A 83 8.91 10.66 1.02
N ALA A 84 7.79 10.56 1.72
CA ALA A 84 7.46 9.27 2.26
C ALA A 84 6.12 9.40 2.91
N THR A 85 5.71 8.36 3.63
CA THR A 85 4.43 8.38 4.36
C THR A 85 4.74 8.39 5.88
N TYR A 86 4.07 9.26 6.61
CA TYR A 86 4.27 9.40 8.02
C TYR A 86 3.08 8.88 8.80
N TYR A 87 3.34 8.24 9.93
CA TYR A 87 2.24 7.76 10.76
C TYR A 87 2.37 8.16 12.21
N CYS A 88 1.27 8.42 12.89
CA CYS A 88 1.37 8.66 14.35
C CYS A 88 0.76 7.41 14.98
N GLN A 89 1.15 7.09 16.22
CA GLN A 89 0.66 5.93 16.99
C GLN A 89 0.43 6.32 18.45
N GLN A 90 -0.71 5.95 18.95
CA GLN A 90 -1.13 6.22 20.29
C GLN A 90 -0.79 4.95 21.11
N LEU A 91 -0.23 5.09 22.32
CA LEU A 91 0.09 3.96 23.20
C LEU A 91 -0.45 4.09 24.64
N HIS A 92 -1.47 4.91 24.80
CA HIS A 92 -2.11 5.15 26.11
C HIS A 92 -3.21 4.14 26.40
N PHE A 93 -3.95 3.75 25.36
CA PHE A 93 -5.08 2.81 25.46
C PHE A 93 -4.90 1.65 24.50
N TYR A 94 -5.36 0.46 24.91
CA TYR A 94 -5.32 -0.71 24.03
C TYR A 94 -6.64 -0.66 23.29
N PRO A 95 -6.63 -0.95 21.99
CA PRO A 95 -5.44 -1.30 21.21
C PRO A 95 -4.65 -0.02 20.91
N HIS A 96 -3.33 -0.19 20.72
CA HIS A 96 -2.38 0.87 20.40
C HIS A 96 -2.48 1.40 18.97
N THR A 97 -3.56 2.09 18.66
CA THR A 97 -3.85 2.67 17.33
C THR A 97 -2.85 3.48 16.53
N PHE A 98 -2.97 3.35 15.22
CA PHE A 98 -2.16 4.09 14.29
C PHE A 98 -3.07 5.05 13.55
N GLY A 99 -2.55 6.20 13.15
CA GLY A 99 -3.34 7.10 12.33
C GLY A 99 -3.38 6.58 10.88
N GLY A 100 -4.13 7.24 10.01
CA GLY A 100 -4.29 6.79 8.62
C GLY A 100 -3.10 7.05 7.77
N GLY A 101 -2.15 7.82 8.29
CA GLY A 101 -0.98 8.11 7.47
C GLY A 101 -1.05 9.40 6.64
N THR A 102 0.06 10.05 6.40
CA THR A 102 0.03 11.19 5.51
C THR A 102 1.20 11.02 4.57
N ARG A 103 0.87 11.02 3.27
CA ARG A 103 1.83 10.83 2.17
C ARG A 103 2.47 12.19 1.82
N VAL A 104 3.78 12.25 1.76
CA VAL A 104 4.40 13.52 1.44
C VAL A 104 5.08 13.24 0.10
N ASP A 105 4.70 13.97 -0.95
CA ASP A 105 5.30 13.73 -2.27
C ASP A 105 5.86 15.03 -2.93
N VAL A 106 6.63 14.89 -3.99
CA VAL A 106 7.28 15.99 -4.68
C VAL A 106 6.24 16.91 -5.32
N ARG A 107 6.21 18.18 -4.94
CA ARG A 107 5.24 19.10 -5.55
C ARG A 107 5.65 19.44 -6.98
N ARG A 108 4.69 19.67 -7.84
CA ARG A 108 4.94 20.06 -9.23
C ARG A 108 3.63 20.68 -9.63
N THR A 109 4.08 21.32 -10.59
CA THR A 109 2.90 22.05 -11.08
C THR A 109 1.75 21.08 -11.37
N VAL A 110 0.24 21.57 -11.34
CA VAL A 110 -0.91 20.76 -11.60
C VAL A 110 -0.91 20.30 -13.06
N ALA A 111 -1.19 19.02 -13.27
CA ALA A 111 -1.26 18.45 -14.60
C ALA A 111 -2.44 17.51 -14.67
N ALA A 112 -3.35 17.79 -15.61
CA ALA A 112 -4.53 16.96 -15.81
C ALA A 112 -4.12 15.65 -16.46
N PRO A 113 -4.88 14.60 -16.23
CA PRO A 113 -4.50 13.32 -16.85
C PRO A 113 -4.88 13.24 -18.32
N SER A 114 -4.14 12.47 -19.11
CA SER A 114 -4.52 12.24 -20.51
C SER A 114 -5.33 10.95 -20.26
N VAL A 115 -6.58 10.90 -20.70
CA VAL A 115 -7.42 9.75 -20.47
C VAL A 115 -7.64 8.95 -21.74
N PHE A 116 -7.64 7.61 -21.60
CA PHE A 116 -7.82 6.67 -22.71
C PHE A 116 -8.70 5.51 -22.23
N ILE A 117 -9.60 5.03 -23.10
CA ILE A 117 -10.46 3.91 -22.77
C ILE A 117 -10.20 2.79 -23.76
N PHE A 118 -10.04 1.58 -23.25
CA PHE A 118 -9.72 0.45 -24.08
C PHE A 118 -10.82 -0.57 -23.99
N PRO A 119 -11.38 -0.99 -25.15
CA PRO A 119 -12.46 -2.00 -25.12
C PRO A 119 -11.83 -3.36 -24.93
N PRO A 120 -12.63 -4.36 -24.56
CA PRO A 120 -11.99 -5.67 -24.40
C PRO A 120 -11.60 -6.28 -25.75
N SER A 121 -10.49 -7.02 -25.76
CA SER A 121 -10.05 -7.68 -26.97
C SER A 121 -11.01 -8.84 -27.35
N ASP A 122 -11.13 -9.07 -28.65
CA ASP A 122 -11.94 -10.16 -29.15
C ASP A 122 -11.38 -11.43 -28.61
N GLU A 123 -10.07 -11.46 -28.38
CA GLU A 123 -9.46 -12.67 -27.85
C GLU A 123 -9.98 -12.96 -26.43
N GLN A 124 -10.08 -11.91 -25.60
CA GLN A 124 -10.59 -12.14 -24.25
C GLN A 124 -12.05 -12.56 -24.33
N LEU A 125 -12.85 -11.82 -25.10
CA LEU A 125 -14.27 -12.13 -25.26
C LEU A 125 -14.55 -13.64 -25.55
N LYS A 126 -13.72 -14.26 -26.40
CA LYS A 126 -13.88 -15.68 -26.71
C LYS A 126 -13.74 -16.56 -25.48
N SER A 127 -13.06 -16.06 -24.46
CA SER A 127 -12.92 -16.85 -23.24
C SER A 127 -14.08 -16.60 -22.30
N GLY A 128 -14.98 -15.72 -22.70
CA GLY A 128 -16.14 -15.44 -21.87
C GLY A 128 -16.08 -14.26 -20.90
N THR A 129 -14.95 -13.56 -20.83
CA THR A 129 -14.90 -12.42 -19.93
C THR A 129 -14.60 -11.14 -20.70
N ALA A 130 -14.98 -10.00 -20.14
CA ALA A 130 -14.77 -8.75 -20.79
C ALA A 130 -14.16 -7.75 -19.83
N SER A 131 -12.94 -7.30 -20.14
CA SER A 131 -12.28 -6.28 -19.33
C SER A 131 -12.22 -4.95 -20.03
N VAL A 132 -12.75 -3.91 -19.39
CA VAL A 132 -12.68 -2.62 -20.00
C VAL A 132 -11.69 -1.86 -19.15
N VAL A 133 -10.62 -1.34 -19.76
CA VAL A 133 -9.65 -0.59 -19.00
C VAL A 133 -9.60 0.88 -19.33
N CYS A 134 -9.40 1.67 -18.30
CA CYS A 134 -9.32 3.11 -18.44
C CYS A 134 -7.99 3.53 -17.94
N LEU A 135 -7.30 4.38 -18.70
CA LEU A 135 -6.01 4.85 -18.27
C LEU A 135 -6.02 6.36 -18.06
N LEU A 136 -5.45 6.81 -16.94
CA LEU A 136 -5.28 8.21 -16.60
C LEU A 136 -3.77 8.32 -16.56
N ASN A 137 -3.20 8.99 -17.56
CA ASN A 137 -1.75 9.09 -17.68
C ASN A 137 -1.09 10.41 -17.24
N ASN A 138 0.01 10.32 -16.51
CA ASN A 138 0.77 11.49 -16.06
C ASN A 138 -0.02 12.70 -15.49
N PHE A 139 -0.66 12.53 -14.33
CA PHE A 139 -1.40 13.65 -13.75
C PHE A 139 -0.80 14.05 -12.39
N TYR A 140 -1.28 15.15 -11.83
CA TYR A 140 -0.81 15.65 -10.51
C TYR A 140 -1.77 16.75 -10.09
N PRO A 141 -2.18 16.78 -8.81
CA PRO A 141 -1.83 15.85 -7.74
C PRO A 141 -2.41 14.44 -7.86
N ARG A 142 -2.00 13.56 -6.94
CA ARG A 142 -2.41 12.18 -6.96
C ARG A 142 -3.89 11.86 -6.93
N GLU A 143 -4.69 12.62 -6.20
CA GLU A 143 -6.09 12.29 -6.11
C GLU A 143 -6.83 12.43 -7.47
N ALA A 144 -7.56 11.38 -7.82
CA ALA A 144 -8.30 11.35 -9.08
C ALA A 144 -9.46 10.44 -8.78
N LYS A 145 -10.57 10.64 -9.48
CA LYS A 145 -11.74 9.80 -9.29
C LYS A 145 -12.24 9.32 -10.67
N VAL A 146 -12.40 8.00 -10.76
CA VAL A 146 -12.84 7.33 -11.95
C VAL A 146 -14.18 6.74 -11.67
N GLN A 147 -15.13 7.02 -12.58
CA GLN A 147 -16.48 6.48 -12.46
C GLN A 147 -16.89 5.77 -13.75
N TRP A 148 -17.17 4.48 -13.68
CA TRP A 148 -17.59 3.74 -14.86
C TRP A 148 -19.09 3.87 -15.04
N LYS A 149 -19.50 4.04 -16.30
CA LYS A 149 -20.91 4.10 -16.64
C LYS A 149 -21.13 3.20 -17.87
N VAL A 150 -22.17 2.40 -17.83
CA VAL A 150 -22.54 1.50 -18.90
C VAL A 150 -23.98 1.90 -19.28
N ASP A 151 -24.21 2.30 -20.53
CA ASP A 151 -25.57 2.73 -20.93
C ASP A 151 -26.14 3.64 -19.81
N ASN A 152 -25.29 4.55 -19.35
CA ASN A 152 -25.65 5.50 -18.30
C ASN A 152 -25.86 4.99 -16.91
N ALA A 153 -25.70 3.70 -16.68
CA ALA A 153 -25.86 3.19 -15.33
C ALA A 153 -24.52 3.34 -14.65
N LEU A 154 -24.56 3.86 -13.44
CA LEU A 154 -23.37 4.06 -12.63
C LEU A 154 -22.86 2.67 -12.20
N GLN A 155 -21.60 2.36 -12.43
CA GLN A 155 -21.13 1.03 -12.04
C GLN A 155 -20.55 1.01 -10.62
N SER A 156 -20.68 -0.12 -9.94
CA SER A 156 -20.14 -0.18 -8.61
C SER A 156 -19.81 -1.62 -8.22
N GLY A 157 -18.67 -1.80 -7.57
CA GLY A 157 -18.28 -3.12 -7.11
C GLY A 157 -17.70 -4.03 -8.17
N ASN A 158 -17.57 -3.55 -9.40
CA ASN A 158 -17.04 -4.41 -10.47
C ASN A 158 -15.78 -3.86 -11.19
N SER A 159 -15.04 -2.99 -10.50
CA SER A 159 -13.84 -2.42 -11.06
C SER A 159 -12.74 -2.41 -10.02
N GLN A 160 -11.50 -2.33 -10.48
CA GLN A 160 -10.35 -2.26 -9.57
C GLN A 160 -9.37 -1.34 -10.21
N GLU A 161 -8.63 -0.60 -9.39
CA GLU A 161 -7.64 0.31 -9.90
C GLU A 161 -6.34 0.24 -9.10
N SER A 162 -5.24 0.63 -9.76
CA SER A 162 -3.95 0.72 -9.11
C SER A 162 -3.26 2.00 -9.66
N VAL A 163 -2.37 2.57 -8.86
CA VAL A 163 -1.68 3.82 -9.18
C VAL A 163 -0.16 3.59 -9.14
N THR A 164 0.58 4.13 -10.10
CA THR A 164 2.03 4.00 -10.05
C THR A 164 2.62 4.86 -8.91
N GLU A 165 3.87 4.63 -8.56
CA GLU A 165 4.52 5.47 -7.58
C GLU A 165 4.89 6.78 -8.34
N GLN A 166 5.07 7.89 -7.61
CA GLN A 166 5.40 9.18 -8.23
C GLN A 166 6.56 9.01 -9.16
N ASP A 167 6.48 9.52 -10.39
CA ASP A 167 7.57 9.34 -11.33
C ASP A 167 8.80 10.17 -10.90
N SER A 168 9.99 9.60 -10.87
CA SER A 168 11.19 10.33 -10.44
C SER A 168 11.63 11.50 -11.34
N LYS A 169 11.16 11.55 -12.59
CA LYS A 169 11.52 12.64 -13.50
C LYS A 169 10.36 13.66 -13.65
N ASP A 170 9.16 13.13 -13.86
CA ASP A 170 7.89 13.85 -14.06
C ASP A 170 7.26 14.44 -12.81
N SER A 171 7.33 13.63 -11.75
CA SER A 171 6.65 13.93 -10.48
C SER A 171 5.17 13.71 -10.65
N THR A 172 4.75 13.04 -11.73
CA THR A 172 3.32 12.80 -11.98
C THR A 172 2.96 11.34 -11.59
N TYR A 173 1.68 11.03 -11.57
CA TYR A 173 1.22 9.67 -11.28
C TYR A 173 0.41 9.21 -12.47
N SER A 174 0.19 7.91 -12.57
CA SER A 174 -0.67 7.36 -13.62
C SER A 174 -1.60 6.36 -12.91
N LEU A 175 -2.79 6.18 -13.45
CA LEU A 175 -3.76 5.28 -12.83
C LEU A 175 -4.46 4.40 -13.87
N SER A 176 -4.56 3.12 -13.56
CA SER A 176 -5.21 2.17 -14.40
C SER A 176 -6.44 1.65 -13.71
N SER A 177 -7.60 1.71 -14.36
CA SER A 177 -8.79 1.12 -13.77
C SER A 177 -9.44 0.07 -14.72
N THR A 178 -9.67 -1.14 -14.21
CA THR A 178 -10.28 -2.21 -14.97
C THR A 178 -11.75 -2.49 -14.56
N LEU A 179 -12.69 -2.37 -15.53
CA LEU A 179 -14.10 -2.74 -15.33
C LEU A 179 -14.19 -4.19 -15.87
N THR A 180 -14.72 -5.13 -15.06
CA THR A 180 -14.82 -6.50 -15.48
C THR A 180 -16.27 -7.02 -15.52
N LEU A 181 -16.68 -7.61 -16.64
CA LEU A 181 -18.03 -8.11 -16.76
C LEU A 181 -17.99 -9.43 -17.49
N SER A 182 -19.00 -10.25 -17.33
CA SER A 182 -19.05 -11.46 -18.12
C SER A 182 -19.27 -11.05 -19.61
N LYS A 183 -18.88 -11.92 -20.52
CA LYS A 183 -19.08 -11.63 -21.92
C LYS A 183 -20.56 -11.39 -22.11
N ALA A 184 -21.40 -12.22 -21.49
CA ALA A 184 -22.85 -12.03 -21.64
C ALA A 184 -23.33 -10.65 -21.27
N ASP A 185 -23.03 -10.19 -20.06
CA ASP A 185 -23.45 -8.85 -19.63
C ASP A 185 -22.87 -7.82 -20.56
N TYR A 186 -21.62 -8.02 -20.93
CA TYR A 186 -20.98 -7.09 -21.82
C TYR A 186 -21.84 -6.87 -23.04
N GLU A 187 -22.28 -7.96 -23.62
CA GLU A 187 -23.07 -7.94 -24.85
C GLU A 187 -24.42 -7.30 -24.71
N LYS A 188 -24.92 -7.18 -23.49
CA LYS A 188 -26.23 -6.58 -23.30
C LYS A 188 -26.24 -5.07 -23.23
N HIS A 189 -25.12 -4.41 -23.53
CA HIS A 189 -25.09 -2.94 -23.44
C HIS A 189 -24.29 -2.33 -24.54
N LYS A 190 -24.39 -1.02 -24.75
CA LYS A 190 -23.61 -0.42 -25.83
C LYS A 190 -22.60 0.65 -25.45
N VAL A 191 -22.99 1.63 -24.63
CA VAL A 191 -22.07 2.71 -24.28
C VAL A 191 -21.27 2.45 -23.01
N TYR A 192 -19.97 2.24 -23.17
CA TYR A 192 -19.05 1.99 -22.07
C TYR A 192 -18.29 3.27 -21.87
N GLU A 193 -18.42 3.89 -20.70
CA GLU A 193 -17.80 5.17 -20.42
C GLU A 193 -16.97 5.21 -19.15
N CYS A 194 -15.85 5.92 -19.22
CA CYS A 194 -14.93 6.14 -18.10
C CYS A 194 -14.97 7.66 -17.82
N GLU A 195 -15.58 8.04 -16.70
CA GLU A 195 -15.68 9.44 -16.32
C GLU A 195 -14.57 9.81 -15.33
N VAL A 196 -13.83 10.88 -15.61
CA VAL A 196 -12.69 11.21 -14.75
C VAL A 196 -12.73 12.59 -14.12
N THR A 197 -12.59 12.66 -12.80
CA THR A 197 -12.58 13.95 -12.11
C THR A 197 -11.19 14.15 -11.55
N HIS A 198 -10.67 15.36 -11.72
CA HIS A 198 -9.34 15.67 -11.26
C HIS A 198 -9.18 17.16 -11.14
N GLN A 199 -8.30 17.58 -10.24
CA GLN A 199 -8.12 18.99 -10.03
C GLN A 199 -7.71 19.76 -11.27
N GLY A 200 -6.92 19.17 -12.15
CA GLY A 200 -6.50 19.86 -13.35
C GLY A 200 -7.54 19.92 -14.46
N LEU A 201 -8.72 19.37 -14.24
CA LEU A 201 -9.71 19.36 -15.28
C LEU A 201 -10.82 20.31 -14.87
N SER A 202 -11.07 21.31 -15.72
CA SER A 202 -12.13 22.28 -15.48
C SER A 202 -13.42 21.55 -15.05
N SER A 203 -13.80 20.52 -15.78
CA SER A 203 -14.99 19.76 -15.40
C SER A 203 -14.59 18.34 -15.81
N PRO A 204 -15.36 17.34 -15.38
CA PRO A 204 -15.11 15.93 -15.67
C PRO A 204 -14.98 15.60 -17.14
N VAL A 205 -14.04 14.74 -17.47
CA VAL A 205 -13.88 14.37 -18.84
C VAL A 205 -14.39 12.95 -18.98
N THR A 206 -15.09 12.66 -20.07
CA THR A 206 -15.55 11.32 -20.28
C THR A 206 -14.98 10.75 -21.61
N LYS A 207 -14.45 9.52 -21.55
CA LYS A 207 -13.94 8.84 -22.72
C LYS A 207 -14.82 7.62 -22.83
N SER A 208 -15.33 7.35 -24.02
CA SER A 208 -16.18 6.20 -24.22
C SER A 208 -16.19 5.65 -25.62
N PHE A 209 -16.87 4.53 -25.75
CA PHE A 209 -17.06 3.84 -27.00
C PHE A 209 -18.39 3.08 -27.00
N ASN A 210 -18.89 2.76 -28.20
CA ASN A 210 -20.10 1.99 -28.29
C ASN A 210 -19.64 0.62 -28.68
N ARG A 211 -20.05 -0.39 -27.92
CA ARG A 211 -19.66 -1.76 -28.19
C ARG A 211 -20.12 -2.20 -29.57
N GLY A 212 -19.26 -2.98 -30.21
CA GLY A 212 -19.59 -3.51 -31.51
C GLY A 212 -19.62 -2.52 -32.65
N GLU A 213 -19.55 -1.22 -32.36
CA GLU A 213 -19.58 -0.27 -33.45
C GLU A 213 -18.33 -0.56 -34.28
N CYS A 214 -18.32 -0.53 -35.52
CA CYS A 214 -17.19 -0.87 -36.39
C CYS A 214 -17.09 -0.02 -37.65
N ARG B 1 22.96 -3.24 19.76
CA ARG B 1 22.11 -3.14 18.53
C ARG B 1 20.98 -4.20 18.53
N ILE B 2 19.78 -3.67 18.42
CA ILE B 2 18.60 -4.47 18.41
C ILE B 2 18.16 -4.76 16.99
N THR B 3 17.90 -6.00 16.68
CA THR B 3 17.39 -6.28 15.35
C THR B 3 16.27 -7.35 15.53
N LEU B 4 15.26 -7.28 14.67
CA LEU B 4 14.17 -8.26 14.65
C LEU B 4 13.96 -8.67 13.22
N LYS B 5 13.49 -9.91 13.05
CA LYS B 5 13.18 -10.44 11.74
C LYS B 5 12.01 -11.45 11.77
N GLU B 6 11.05 -11.21 10.88
CA GLU B 6 9.86 -12.02 10.77
C GLU B 6 10.07 -13.23 9.83
N SER B 7 9.47 -14.37 10.15
CA SER B 7 9.52 -15.51 9.24
C SER B 7 8.19 -16.25 9.29
N GLY B 8 7.85 -16.97 8.22
CA GLY B 8 6.61 -17.74 8.13
C GLY B 8 6.29 -18.00 6.67
N PRO B 9 5.13 -18.54 6.35
CA PRO B 9 4.77 -18.82 4.96
C PRO B 9 4.39 -17.58 4.15
N PRO B 10 4.88 -17.45 2.90
CA PRO B 10 4.51 -16.27 2.12
C PRO B 10 3.11 -16.39 1.57
N LEU B 11 2.66 -17.61 1.45
CA LEU B 11 1.35 -17.87 0.91
C LEU B 11 0.51 -18.70 1.82
N VAL B 12 -0.75 -18.34 1.99
CA VAL B 12 -1.63 -19.13 2.81
C VAL B 12 -3.00 -19.12 2.23
N LYS B 13 -3.71 -20.23 2.39
CA LYS B 13 -5.08 -20.35 1.83
C LYS B 13 -6.14 -19.99 2.86
N PRO B 14 -7.26 -19.45 2.38
CA PRO B 14 -8.38 -19.06 3.20
C PRO B 14 -8.76 -20.22 4.10
N THR B 15 -9.26 -19.89 5.29
CA THR B 15 -9.66 -20.74 6.41
C THR B 15 -8.46 -21.31 7.12
N GLN B 16 -7.28 -21.26 6.49
CA GLN B 16 -6.12 -21.84 7.16
C GLN B 16 -5.59 -20.99 8.33
N THR B 17 -4.67 -21.60 9.07
CA THR B 17 -4.03 -20.97 10.18
C THR B 17 -2.61 -20.49 9.81
N LEU B 18 -2.34 -19.24 10.17
CA LEU B 18 -1.08 -18.59 9.90
C LEU B 18 -0.30 -18.40 11.16
N THR B 19 0.93 -18.91 11.17
CA THR B 19 1.85 -18.81 12.29
C THR B 19 3.07 -18.00 11.82
N LEU B 20 3.31 -16.90 12.50
CA LEU B 20 4.41 -16.00 12.17
C LEU B 20 5.34 -15.97 13.37
N THR B 21 6.65 -16.02 13.07
CA THR B 21 7.66 -16.00 14.08
C THR B 21 8.56 -14.73 13.99
N CYS B 22 8.81 -14.10 15.13
CA CYS B 22 9.66 -12.94 15.20
C CYS B 22 10.86 -13.42 15.96
N SER B 23 12.04 -13.46 15.34
CA SER B 23 13.28 -13.89 16.04
C SER B 23 14.06 -12.59 16.22
N PHE B 24 14.60 -12.33 17.41
CA PHE B 24 15.31 -11.07 17.61
C PHE B 24 16.65 -11.27 18.34
N SER B 25 17.46 -10.21 18.38
CA SER B 25 18.75 -10.25 19.10
C SER B 25 18.99 -8.83 19.66
N GLY B 26 19.86 -8.68 20.66
CA GLY B 26 20.09 -7.37 21.26
C GLY B 26 19.28 -7.10 22.53
N PHE B 27 18.32 -7.95 22.86
CA PHE B 27 17.55 -7.73 24.09
C PHE B 27 16.97 -9.09 24.48
N SER B 28 16.45 -9.20 25.68
CA SER B 28 15.89 -10.45 26.07
C SER B 28 14.45 -10.20 26.47
N LEU B 29 13.54 -11.13 26.25
CA LEU B 29 12.19 -10.89 26.66
C LEU B 29 12.09 -11.19 28.13
N SER B 30 13.23 -11.23 28.81
CA SER B 30 13.20 -11.37 30.24
C SER B 30 13.70 -10.00 30.77
N ASP B 31 14.05 -9.06 29.89
CA ASP B 31 14.51 -7.78 30.42
C ASP B 31 13.28 -7.04 30.98
N PHE B 32 13.51 -6.18 31.96
CA PHE B 32 12.42 -5.46 32.60
C PHE B 32 11.50 -4.65 31.69
N GLY B 33 10.21 -4.92 31.79
CA GLY B 33 9.17 -4.24 31.02
C GLY B 33 9.24 -4.22 29.52
N VAL B 34 10.14 -4.99 28.93
CA VAL B 34 10.23 -4.98 27.47
C VAL B 34 8.98 -5.60 26.79
N GLY B 35 8.64 -5.11 25.60
CA GLY B 35 7.53 -5.65 24.83
C GLY B 35 7.94 -5.93 23.38
N VAL B 36 7.18 -6.82 22.74
CA VAL B 36 7.38 -7.13 21.35
C VAL B 36 5.90 -7.12 20.82
N GLY B 37 5.65 -6.36 19.76
CA GLY B 37 4.30 -6.25 19.23
C GLY B 37 4.34 -6.63 17.75
N TRP B 38 3.16 -6.74 17.15
CA TRP B 38 2.99 -7.10 15.77
C TRP B 38 2.09 -6.04 15.17
N ILE B 39 2.44 -5.59 13.96
CA ILE B 39 1.67 -4.58 13.24
C ILE B 39 1.58 -5.05 11.78
N ARG B 40 0.50 -4.79 11.07
CA ARG B 40 0.43 -5.30 9.68
C ARG B 40 0.11 -4.13 8.77
N GLN B 41 0.33 -4.34 7.48
CA GLN B 41 0.08 -3.26 6.53
C GLN B 41 -0.39 -3.85 5.20
N PRO B 42 -1.70 -3.84 4.92
CA PRO B 42 -2.19 -4.38 3.64
C PRO B 42 -1.59 -3.51 2.50
N PRO B 43 -1.35 -4.09 1.32
CA PRO B 43 -0.74 -3.23 0.28
C PRO B 43 -1.47 -1.90 0.03
N GLY B 44 -0.69 -0.83 0.00
CA GLY B 44 -1.25 0.50 -0.21
C GLY B 44 -2.03 1.07 0.97
N LYS B 45 -2.22 0.30 2.05
CA LYS B 45 -2.98 0.82 3.19
C LYS B 45 -2.11 1.33 4.40
N ALA B 46 -2.80 1.75 5.44
CA ALA B 46 -2.22 2.27 6.68
C ALA B 46 -1.73 1.13 7.58
N LEU B 47 -0.96 1.47 8.62
CA LEU B 47 -0.49 0.46 9.55
C LEU B 47 -1.64 0.09 10.45
N GLU B 48 -1.68 -1.18 10.84
CA GLU B 48 -2.74 -1.63 11.73
C GLU B 48 -2.14 -2.46 12.90
N TRP B 49 -2.40 -2.02 14.12
CA TRP B 49 -1.84 -2.67 15.30
C TRP B 49 -2.54 -4.00 15.54
N LEU B 50 -1.78 -5.06 15.85
CA LEU B 50 -2.38 -6.38 16.08
C LEU B 50 -2.32 -6.92 17.52
N ALA B 51 -1.16 -6.80 18.15
CA ALA B 51 -1.02 -7.37 19.47
C ALA B 51 0.35 -7.06 20.06
N ILE B 52 0.51 -7.31 21.34
CA ILE B 52 1.84 -7.10 21.91
C ILE B 52 1.96 -8.01 23.10
N ILE B 53 3.18 -8.39 23.43
CA ILE B 53 3.42 -9.23 24.61
C ILE B 53 4.62 -8.67 25.36
N TYR B 54 4.55 -8.66 26.68
CA TYR B 54 5.65 -8.13 27.52
C TYR B 54 6.41 -9.25 28.20
N SER B 55 7.61 -8.93 28.69
CA SER B 55 8.42 -9.90 29.38
C SER B 55 7.76 -10.49 30.66
N ASP B 56 6.87 -9.77 31.33
CA ASP B 56 6.17 -10.33 32.49
C ASP B 56 4.97 -11.19 32.01
N ASP B 57 4.89 -11.38 30.69
CA ASP B 57 3.91 -12.20 30.02
C ASP B 57 2.45 -11.69 29.91
N ASP B 58 2.23 -10.39 30.09
CA ASP B 58 0.90 -9.78 29.93
C ASP B 58 0.76 -9.77 28.39
N LYS B 59 -0.45 -10.02 27.88
CA LYS B 59 -0.72 -10.06 26.44
C LYS B 59 -1.91 -9.15 26.13
N ARG B 60 -1.91 -8.48 24.98
CA ARG B 60 -3.05 -7.63 24.62
C ARG B 60 -3.26 -7.78 23.10
N TYR B 61 -4.51 -7.72 22.69
CA TYR B 61 -4.86 -7.93 21.30
C TYR B 61 -5.80 -6.88 20.78
N SER B 62 -5.69 -6.66 19.48
CA SER B 62 -6.60 -5.81 18.77
C SER B 62 -8.01 -6.38 19.06
N PRO B 63 -8.96 -5.55 19.47
CA PRO B 63 -10.33 -6.07 19.73
C PRO B 63 -11.00 -6.64 18.46
N SER B 64 -10.77 -6.03 17.33
CA SER B 64 -11.31 -6.53 16.07
C SER B 64 -10.78 -7.92 15.64
N LEU B 65 -9.62 -8.33 16.16
CA LEU B 65 -9.05 -9.62 15.73
C LEU B 65 -8.85 -10.60 16.90
N ASN B 66 -9.24 -10.14 18.07
CA ASN B 66 -9.06 -10.90 19.28
C ASN B 66 -9.33 -12.39 19.14
N THR B 67 -10.50 -12.76 18.62
CA THR B 67 -10.82 -14.18 18.49
C THR B 67 -9.91 -15.00 17.59
N ARG B 68 -9.21 -14.37 16.66
CA ARG B 68 -8.36 -15.14 15.74
C ARG B 68 -6.84 -15.08 16.10
N LEU B 69 -6.46 -14.25 17.08
CA LEU B 69 -5.05 -14.13 17.42
C LEU B 69 -4.60 -14.76 18.71
N THR B 70 -3.40 -15.34 18.66
CA THR B 70 -2.76 -15.84 19.87
C THR B 70 -1.31 -15.35 19.80
N ILE B 71 -0.80 -14.70 20.84
CA ILE B 71 0.58 -14.30 20.77
C ILE B 71 1.28 -15.03 21.93
N THR B 72 2.49 -15.47 21.70
CA THR B 72 3.18 -16.21 22.76
C THR B 72 4.67 -15.94 22.70
N LYS B 73 5.40 -16.19 23.78
CA LYS B 73 6.82 -15.95 23.64
C LYS B 73 7.66 -17.15 23.99
N ASP B 74 8.86 -17.23 23.46
CA ASP B 74 9.76 -18.30 23.84
C ASP B 74 11.06 -17.58 24.20
N THR B 75 11.16 -17.22 25.46
CA THR B 75 12.22 -16.44 26.01
C THR B 75 13.58 -16.98 25.76
N SER B 76 13.73 -18.29 25.93
CA SER B 76 15.03 -18.92 25.75
C SER B 76 15.43 -18.97 24.28
N LYS B 77 14.48 -18.92 23.35
CA LYS B 77 14.86 -18.92 21.93
C LYS B 77 14.86 -17.49 21.33
N ASN B 78 14.54 -16.49 22.17
CA ASN B 78 14.42 -15.12 21.69
C ASN B 78 13.45 -15.03 20.53
N GLN B 79 12.27 -15.58 20.72
CA GLN B 79 11.27 -15.51 19.67
C GLN B 79 9.90 -15.20 20.25
N VAL B 80 9.08 -14.58 19.39
CA VAL B 80 7.70 -14.25 19.75
C VAL B 80 6.92 -14.78 18.57
N VAL B 81 5.86 -15.52 18.85
CA VAL B 81 5.05 -16.11 17.82
C VAL B 81 3.65 -15.54 17.88
N LEU B 82 3.09 -15.27 16.70
CA LEU B 82 1.75 -14.78 16.57
C LEU B 82 1.05 -15.79 15.65
N VAL B 83 -0.05 -16.33 16.15
CA VAL B 83 -0.85 -17.29 15.41
C VAL B 83 -2.20 -16.67 15.07
N MET B 84 -2.52 -16.63 13.79
CA MET B 84 -3.79 -16.08 13.34
C MET B 84 -4.59 -17.23 12.68
N THR B 85 -5.79 -17.47 13.17
CA THR B 85 -6.58 -18.56 12.64
C THR B 85 -7.57 -18.06 11.64
N ARG B 86 -8.12 -19.00 10.88
CA ARG B 86 -9.18 -18.68 9.92
C ARG B 86 -8.89 -17.44 9.06
N VAL B 87 -7.76 -17.45 8.38
CA VAL B 87 -7.48 -16.28 7.57
C VAL B 87 -8.34 -16.21 6.36
N SER B 88 -8.50 -15.01 5.84
CA SER B 88 -9.26 -14.79 4.64
C SER B 88 -8.42 -13.83 3.76
N PRO B 89 -8.83 -13.59 2.50
CA PRO B 89 -8.05 -12.68 1.64
C PRO B 89 -7.71 -11.30 2.21
N VAL B 90 -8.61 -10.69 2.99
CA VAL B 90 -8.32 -9.37 3.56
C VAL B 90 -7.14 -9.39 4.56
N ASP B 91 -6.69 -10.58 4.93
CA ASP B 91 -5.54 -10.67 5.80
C ASP B 91 -4.23 -10.59 4.98
N THR B 92 -4.31 -10.39 3.66
CA THR B 92 -3.04 -10.30 2.94
C THR B 92 -2.43 -8.95 3.33
N ALA B 93 -1.19 -8.99 3.75
CA ALA B 93 -0.54 -7.77 4.23
C ALA B 93 0.92 -8.06 4.48
N THR B 94 1.68 -7.00 4.70
CA THR B 94 3.04 -7.19 5.15
C THR B 94 2.90 -7.12 6.71
N TYR B 95 3.47 -8.11 7.39
CA TYR B 95 3.41 -8.24 8.86
C TYR B 95 4.76 -7.87 9.46
N PHE B 96 4.78 -6.93 10.41
CA PHE B 96 6.02 -6.51 11.09
C PHE B 96 5.96 -6.82 12.59
N CYS B 97 7.08 -7.23 13.19
CA CYS B 97 7.12 -7.34 14.65
C CYS B 97 8.01 -6.15 15.07
N ALA B 98 7.89 -5.71 16.31
CA ALA B 98 8.66 -4.56 16.72
C ALA B 98 8.91 -4.58 18.25
N HIS B 99 10.01 -3.95 18.63
CA HIS B 99 10.43 -3.82 19.98
C HIS B 99 9.84 -2.60 20.62
N ARG B 100 9.49 -2.75 21.89
CA ARG B 100 8.98 -1.68 22.71
C ARG B 100 9.86 -1.65 23.98
N ARG B 101 10.48 -0.52 24.24
CA ARG B 101 11.32 -0.38 25.41
C ARG B 101 10.51 -0.46 26.68
N GLY B 102 11.16 -0.86 27.76
CA GLY B 102 10.51 -0.86 29.07
C GLY B 102 10.98 0.44 29.77
N PRO B 103 10.47 0.85 30.94
CA PRO B 103 10.95 2.09 31.57
C PRO B 103 12.44 2.10 31.87
N THR B 104 13.05 3.27 31.79
CA THR B 104 14.45 3.36 32.16
C THR B 104 14.54 3.12 33.68
N THR B 105 15.60 2.44 34.10
CA THR B 105 15.83 2.17 35.51
C THR B 105 17.19 2.77 35.98
N LEU B 106 17.26 3.08 37.26
CA LEU B 106 18.50 3.62 37.82
C LEU B 106 18.68 2.74 39.03
N PHE B 107 19.79 2.01 39.04
CA PHE B 107 20.09 1.06 40.11
C PHE B 107 18.81 0.22 40.28
N GLY B 108 18.32 -0.30 39.15
CA GLY B 108 17.13 -1.14 39.18
C GLY B 108 15.93 -0.49 39.83
N VAL B 109 15.75 0.79 39.52
CA VAL B 109 14.58 1.49 40.02
C VAL B 109 14.01 2.24 38.81
N PRO B 110 12.74 1.99 38.48
CA PRO B 110 12.10 2.64 37.33
C PRO B 110 12.00 4.14 37.63
N ILE B 111 12.55 4.96 36.74
CA ILE B 111 12.56 6.41 36.90
C ILE B 111 12.02 7.17 35.71
N ALA B 112 11.95 6.53 34.55
CA ALA B 112 11.39 7.21 33.36
C ALA B 112 10.53 6.30 32.51
N ARG B 113 9.26 6.69 32.33
CA ARG B 113 8.39 5.88 31.48
C ARG B 113 8.24 6.44 30.06
N GLY B 114 8.73 7.66 29.81
CA GLY B 114 8.65 8.22 28.48
C GLY B 114 9.20 7.27 27.41
N PRO B 115 10.30 6.53 27.64
CA PRO B 115 10.77 5.66 26.56
C PRO B 115 9.82 4.52 26.11
N VAL B 116 8.78 4.20 26.88
CA VAL B 116 7.89 3.15 26.43
C VAL B 116 6.92 3.67 25.42
N ASN B 117 6.85 4.98 25.23
CA ASN B 117 5.86 5.49 24.29
C ASN B 117 6.27 5.55 22.81
N ALA B 118 6.50 4.37 22.25
CA ALA B 118 6.86 4.18 20.81
C ALA B 118 7.24 2.71 20.63
N MET B 119 7.24 2.24 19.38
CA MET B 119 7.78 0.92 19.08
C MET B 119 9.06 1.43 18.38
N ASP B 120 10.21 1.27 19.04
CA ASP B 120 11.50 1.85 18.58
C ASP B 120 12.33 1.16 17.51
N VAL B 121 12.19 -0.17 17.39
CA VAL B 121 12.95 -0.91 16.36
C VAL B 121 11.99 -1.91 15.71
N TRP B 122 12.03 -1.92 14.39
CA TRP B 122 11.15 -2.76 13.60
C TRP B 122 11.85 -3.81 12.77
N GLY B 123 11.17 -4.91 12.46
CA GLY B 123 11.78 -5.90 11.59
C GLY B 123 11.49 -5.43 10.15
N GLN B 124 12.18 -6.00 9.18
CA GLN B 124 11.95 -5.62 7.76
C GLN B 124 10.49 -5.89 7.31
N GLY B 125 9.80 -6.87 7.91
CA GLY B 125 8.43 -7.14 7.51
C GLY B 125 8.38 -8.37 6.62
N ILE B 126 7.33 -9.14 6.74
CA ILE B 126 7.19 -10.31 5.90
C ILE B 126 5.85 -10.23 5.17
N THR B 127 5.92 -10.37 3.86
CA THR B 127 4.74 -10.30 3.00
C THR B 127 3.98 -11.60 2.97
N VAL B 128 2.71 -11.55 3.32
CA VAL B 128 1.86 -12.74 3.32
C VAL B 128 0.64 -12.52 2.40
N THR B 129 0.45 -13.47 1.51
CA THR B 129 -0.67 -13.42 0.57
C THR B 129 -1.67 -14.52 0.89
N ILE B 130 -2.93 -14.16 1.02
CA ILE B 130 -3.94 -15.17 1.30
C ILE B 130 -4.81 -15.36 0.06
N SER B 131 -4.67 -16.54 -0.54
CA SER B 131 -5.41 -16.89 -1.75
C SER B 131 -5.51 -18.41 -1.86
N SER B 132 -6.63 -18.88 -2.39
CA SER B 132 -6.81 -20.32 -2.57
C SER B 132 -6.21 -20.72 -3.91
N THR B 133 -5.83 -19.98 -4.67
CA THR B 133 -5.29 -20.29 -5.99
C THR B 133 -4.06 -21.20 -6.11
N SER B 134 -3.87 -21.80 -7.10
CA SER B 134 -2.69 -22.61 -7.40
C SER B 134 -1.86 -21.78 -8.39
N THR B 135 -0.58 -22.10 -8.51
CA THR B 135 0.25 -21.42 -9.46
C THR B 135 -0.44 -21.40 -10.84
N LYS B 136 -0.40 -20.26 -11.53
CA LYS B 136 -1.03 -20.14 -12.84
C LYS B 136 -0.49 -19.00 -13.70
N GLY B 137 -0.21 -19.29 -14.97
CA GLY B 137 0.31 -18.27 -15.87
C GLY B 137 -0.77 -17.31 -16.38
N PRO B 138 -0.39 -16.06 -16.71
CA PRO B 138 -1.30 -15.02 -17.20
C PRO B 138 -1.76 -15.21 -18.64
N SER B 139 -2.92 -14.63 -18.95
CA SER B 139 -3.42 -14.58 -20.30
C SER B 139 -2.99 -13.15 -20.66
N VAL B 140 -2.50 -12.93 -21.86
CA VAL B 140 -2.10 -11.58 -22.19
C VAL B 140 -2.96 -11.02 -23.29
N PHE B 141 -3.60 -9.89 -23.05
CA PHE B 141 -4.45 -9.32 -24.07
C PHE B 141 -3.98 -7.97 -24.48
N PRO B 142 -4.29 -7.55 -25.72
CA PRO B 142 -3.86 -6.22 -26.21
C PRO B 142 -4.73 -5.11 -25.71
N LEU B 143 -4.14 -3.94 -25.52
CA LEU B 143 -4.86 -2.74 -25.12
C LEU B 143 -4.53 -1.80 -26.31
N ALA B 144 -5.50 -1.58 -27.17
CA ALA B 144 -5.25 -0.72 -28.34
C ALA B 144 -6.20 0.46 -28.43
N PRO B 145 -5.65 1.61 -28.86
CA PRO B 145 -6.33 2.93 -29.05
C PRO B 145 -7.69 2.89 -29.85
N GLY B 152 1.01 16.45 -26.50
CA GLY B 152 -0.35 16.34 -25.98
C GLY B 152 -1.20 15.31 -26.76
N ALA B 153 -0.92 15.27 -28.07
CA ALA B 153 -1.54 14.36 -29.07
C ALA B 153 -0.75 13.03 -29.04
N ALA B 154 -0.73 12.50 -27.82
CA ALA B 154 -0.07 11.26 -27.52
C ALA B 154 -1.11 10.16 -27.75
N ALA B 155 -0.63 8.97 -28.09
CA ALA B 155 -1.50 7.82 -28.30
C ALA B 155 -1.07 6.81 -27.22
N ALA B 156 -1.98 5.91 -26.83
CA ALA B 156 -1.61 4.94 -25.79
C ALA B 156 -1.94 3.52 -26.16
N LEU B 157 -1.11 2.60 -25.74
CA LEU B 157 -1.45 1.21 -25.97
C LEU B 157 -0.82 0.38 -24.87
N GLY B 158 -1.17 -0.89 -24.80
CA GLY B 158 -0.58 -1.68 -23.75
C GLY B 158 -0.95 -3.14 -23.82
N CYS B 159 -0.73 -3.80 -22.70
CA CYS B 159 -1.03 -5.22 -22.54
C CYS B 159 -1.65 -5.38 -21.13
N LEU B 160 -2.64 -6.25 -21.06
CA LEU B 160 -3.41 -6.54 -19.86
C LEU B 160 -2.97 -7.93 -19.54
N VAL B 161 -2.24 -8.05 -18.43
CA VAL B 161 -1.69 -9.33 -18.00
C VAL B 161 -2.67 -9.88 -16.98
N LYS B 162 -3.55 -10.74 -17.44
CA LYS B 162 -4.63 -11.24 -16.60
C LYS B 162 -4.66 -12.64 -16.02
N ASP B 163 -5.11 -12.74 -14.77
CA ASP B 163 -5.29 -14.02 -14.11
C ASP B 163 -4.09 -14.90 -13.86
N TYR B 164 -3.12 -14.37 -13.13
CA TYR B 164 -1.96 -15.18 -12.87
C TYR B 164 -1.75 -15.24 -11.35
N PHE B 165 -0.93 -16.21 -10.92
CA PHE B 165 -0.60 -16.39 -9.53
C PHE B 165 0.64 -17.27 -9.38
N PRO B 166 1.54 -16.93 -8.45
CA PRO B 166 1.45 -15.78 -7.54
C PRO B 166 2.23 -14.65 -8.18
N GLU B 167 2.50 -13.58 -7.41
CA GLU B 167 3.36 -12.50 -7.91
C GLU B 167 4.77 -13.12 -7.92
N PRO B 168 5.70 -12.55 -8.69
CA PRO B 168 5.54 -11.38 -9.53
C PRO B 168 5.52 -11.76 -10.98
N VAL B 169 5.33 -10.76 -11.83
CA VAL B 169 5.44 -10.98 -13.25
C VAL B 169 6.35 -9.82 -13.76
N THR B 170 7.10 -10.03 -14.85
CA THR B 170 7.89 -8.93 -15.37
C THR B 170 7.39 -8.57 -16.77
N VAL B 171 7.36 -7.28 -17.07
CA VAL B 171 6.93 -6.84 -18.37
C VAL B 171 7.92 -5.81 -18.88
N SER B 172 8.30 -5.92 -20.15
CA SER B 172 9.15 -4.91 -20.75
C SER B 172 8.50 -4.66 -22.13
N TRP B 173 8.96 -3.60 -22.82
CA TRP B 173 8.48 -3.29 -24.16
C TRP B 173 9.68 -3.39 -25.13
N ASN B 174 9.42 -3.91 -26.34
CA ASN B 174 10.42 -4.12 -27.37
C ASN B 174 11.70 -4.67 -26.82
N SER B 175 11.58 -5.82 -26.18
CA SER B 175 12.71 -6.53 -25.60
C SER B 175 13.61 -5.68 -24.72
N GLY B 176 13.06 -4.60 -24.18
CA GLY B 176 13.85 -3.74 -23.32
C GLY B 176 14.28 -2.42 -23.93
N ALA B 177 14.04 -2.24 -25.22
CA ALA B 177 14.44 -1.01 -25.91
C ALA B 177 13.47 0.14 -25.75
N LEU B 178 12.24 -0.17 -25.38
CA LEU B 178 11.26 0.88 -25.20
C LEU B 178 11.10 1.08 -23.70
N THR B 179 11.44 2.28 -23.25
CA THR B 179 11.34 2.66 -21.84
C THR B 179 10.63 4.00 -21.63
N SER B 180 10.85 4.96 -22.50
CA SER B 180 10.20 6.23 -22.23
C SER B 180 8.70 6.12 -22.47
N GLY B 181 7.92 6.64 -21.52
CA GLY B 181 6.47 6.59 -21.65
C GLY B 181 5.86 5.27 -21.20
N VAL B 182 6.66 4.38 -20.64
CA VAL B 182 6.15 3.10 -20.20
C VAL B 182 5.66 3.19 -18.73
N HIS B 183 4.48 2.68 -18.46
CA HIS B 183 3.98 2.62 -17.08
C HIS B 183 3.44 1.22 -16.85
N THR B 184 4.09 0.49 -15.96
CA THR B 184 3.63 -0.84 -15.61
C THR B 184 3.02 -0.67 -14.20
N PHE B 185 1.71 -0.84 -14.08
CA PHE B 185 1.04 -0.68 -12.80
C PHE B 185 1.16 -1.84 -11.86
N PRO B 186 1.02 -1.56 -10.55
CA PRO B 186 1.10 -2.65 -9.57
C PRO B 186 -0.16 -3.49 -9.82
N ALA B 187 -0.02 -4.79 -9.68
CA ALA B 187 -1.10 -5.76 -9.87
C ALA B 187 -2.12 -5.61 -8.73
N VAL B 188 -3.36 -5.98 -9.03
CA VAL B 188 -4.42 -5.98 -8.04
C VAL B 188 -4.74 -7.47 -7.87
N LEU B 189 -5.13 -7.87 -6.65
CA LEU B 189 -5.47 -9.24 -6.34
C LEU B 189 -6.97 -9.23 -6.52
N GLN B 190 -7.47 -9.96 -7.52
CA GLN B 190 -8.90 -10.03 -7.80
C GLN B 190 -9.64 -10.89 -6.79
N SER B 191 -10.95 -10.75 -6.72
CA SER B 191 -11.70 -11.53 -5.77
C SER B 191 -11.55 -13.00 -6.08
N SER B 192 -11.18 -13.33 -7.32
CA SER B 192 -10.98 -14.72 -7.68
C SER B 192 -9.72 -15.30 -7.02
N GLY B 193 -8.81 -14.43 -6.55
CA GLY B 193 -7.56 -14.92 -5.92
C GLY B 193 -6.37 -14.93 -6.89
N LEU B 194 -6.60 -14.35 -8.07
CA LEU B 194 -5.59 -14.28 -9.10
C LEU B 194 -5.23 -12.81 -9.30
N TYR B 195 -4.01 -12.55 -9.70
CA TYR B 195 -3.65 -11.16 -9.89
C TYR B 195 -3.94 -10.69 -11.32
N SER B 196 -3.91 -9.38 -11.49
CA SER B 196 -4.08 -8.83 -12.82
C SER B 196 -3.42 -7.48 -12.84
N LEU B 197 -2.76 -7.19 -13.96
CA LEU B 197 -2.08 -5.92 -14.13
C LEU B 197 -2.06 -5.43 -15.57
N SER B 198 -1.90 -4.14 -15.71
CA SER B 198 -1.81 -3.58 -17.05
C SER B 198 -0.43 -2.95 -17.12
N SER B 199 0.09 -2.83 -18.33
CA SER B 199 1.35 -2.18 -18.62
C SER B 199 1.03 -1.36 -19.86
N VAL B 200 1.22 -0.05 -19.85
CA VAL B 200 0.88 0.71 -21.03
C VAL B 200 2.10 1.54 -21.45
N VAL B 201 2.00 2.12 -22.64
CA VAL B 201 3.04 3.00 -23.13
C VAL B 201 2.42 4.08 -24.00
N THR B 202 2.88 5.30 -23.81
CA THR B 202 2.39 6.48 -24.54
C THR B 202 3.49 6.88 -25.56
N VAL B 203 3.06 7.18 -26.78
CA VAL B 203 4.01 7.56 -27.83
C VAL B 203 3.43 8.67 -28.67
N PRO B 204 4.28 9.41 -29.43
CA PRO B 204 3.78 10.50 -30.29
C PRO B 204 2.78 9.85 -31.25
N SER B 205 1.59 10.44 -31.36
CA SER B 205 0.55 9.87 -32.21
C SER B 205 0.97 9.52 -33.64
N SER B 206 2.24 9.74 -33.93
CA SER B 206 2.79 9.46 -35.24
C SER B 206 3.55 8.11 -35.24
N SER B 207 4.22 7.80 -34.13
CA SER B 207 5.02 6.58 -34.06
C SER B 207 4.25 5.34 -34.44
N LEU B 208 2.93 5.39 -34.26
CA LEU B 208 2.10 4.27 -34.60
C LEU B 208 2.34 3.72 -36.01
N GLN B 211 6.97 2.65 -36.46
CA GLN B 211 7.43 1.90 -35.26
C GLN B 211 6.51 0.74 -34.69
N THR B 212 7.06 -0.41 -34.29
CA THR B 212 6.19 -1.48 -33.73
C THR B 212 6.32 -1.63 -32.20
N TYR B 213 5.25 -2.12 -31.57
CA TYR B 213 5.19 -2.26 -30.10
C TYR B 213 4.85 -3.66 -29.62
N THR B 214 5.78 -4.28 -28.91
CA THR B 214 5.52 -5.60 -28.44
C THR B 214 5.81 -5.69 -26.93
N CYS B 215 4.88 -6.19 -26.12
CA CYS B 215 5.16 -6.29 -24.67
C CYS B 215 5.73 -7.67 -24.45
N ASN B 216 6.78 -7.78 -23.63
CA ASN B 216 7.39 -9.09 -23.31
C ASN B 216 7.01 -9.34 -21.87
N VAL B 217 6.21 -10.38 -21.67
CA VAL B 217 5.66 -10.75 -20.36
C VAL B 217 6.29 -12.02 -19.88
N ASN B 218 6.67 -12.07 -18.61
CA ASN B 218 7.30 -13.30 -18.11
C ASN B 218 6.86 -13.58 -16.68
N HIS B 219 6.21 -14.71 -16.46
CA HIS B 219 5.78 -15.09 -15.12
C HIS B 219 6.64 -16.32 -14.72
N LYS B 220 7.77 -16.08 -14.06
CA LYS B 220 8.68 -17.17 -13.70
C LYS B 220 8.01 -18.34 -13.00
N PRO B 221 7.20 -18.06 -11.97
CA PRO B 221 6.51 -19.11 -11.23
C PRO B 221 5.88 -20.21 -12.04
N SER B 222 5.25 -19.86 -13.17
CA SER B 222 4.58 -20.87 -14.03
C SER B 222 5.31 -21.19 -15.34
N ASN B 223 6.50 -20.64 -15.53
CA ASN B 223 7.27 -20.84 -16.75
C ASN B 223 6.39 -20.40 -17.90
N THR B 224 5.97 -19.14 -17.89
CA THR B 224 5.13 -18.62 -18.98
C THR B 224 5.71 -17.37 -19.57
N LYS B 225 6.30 -17.44 -20.76
CA LYS B 225 6.81 -16.21 -21.41
C LYS B 225 5.90 -15.95 -22.61
N VAL B 226 5.59 -14.68 -22.85
CA VAL B 226 4.71 -14.35 -23.93
C VAL B 226 5.20 -13.03 -24.51
N ASP B 227 5.21 -12.91 -25.83
CA ASP B 227 5.55 -11.62 -26.45
C ASP B 227 4.27 -11.34 -27.21
N LYS B 228 3.69 -10.15 -27.01
CA LYS B 228 2.46 -9.80 -27.70
C LYS B 228 2.62 -8.47 -28.39
N ARG B 229 2.57 -8.49 -29.70
CA ARG B 229 2.70 -7.29 -30.50
C ARG B 229 1.32 -6.65 -30.51
N VAL B 230 1.26 -5.37 -30.25
CA VAL B 230 0.01 -4.65 -30.16
C VAL B 230 -0.05 -3.56 -31.23
N GLU B 231 -1.12 -3.49 -31.98
CA GLU B 231 -1.17 -2.40 -32.95
C GLU B 231 -2.53 -1.75 -32.98
N PRO B 232 -2.64 -0.61 -33.67
CA PRO B 232 -3.90 0.14 -33.81
C PRO B 232 -5.00 -0.54 -34.63
N LYS B 233 -5.50 -1.68 -34.13
CA LYS B 233 -6.57 -2.52 -34.76
C LYS B 233 -6.97 -2.22 -36.24
N SER B 234 -8.27 -2.27 -36.56
CA SER B 234 -8.79 -1.99 -37.91
C SER B 234 -8.04 -2.71 -39.06
N CYS B 235 -7.65 -4.01 -38.88
CA CYS B 235 -6.90 -4.92 -39.84
C CYS B 235 -5.40 -4.56 -40.11
N ASP C 1 -9.00 -0.55 27.64
CA ASP C 1 -8.25 -0.40 28.91
C ASP C 1 -7.00 0.45 28.73
N LEU C 2 -6.45 0.92 29.85
CA LEU C 2 -5.26 1.75 29.82
C LEU C 2 -3.99 0.96 29.48
N ASP C 3 -3.11 1.60 28.72
CA ASP C 3 -1.85 0.97 28.35
C ASP C 3 -1.14 0.54 29.62
N ARG C 4 -0.18 -0.37 29.48
CA ARG C 4 0.56 -0.88 30.63
C ARG C 4 1.26 0.17 31.49
N TRP C 5 1.70 1.26 30.87
CA TRP C 5 2.41 2.28 31.62
C TRP C 5 1.64 3.58 31.82
N ALA C 6 0.33 3.53 31.59
CA ALA C 6 -0.53 4.71 31.72
C ALA C 6 -0.91 5.04 33.15
N SER C 7 -1.51 6.22 33.34
CA SER C 7 -1.93 6.68 34.66
C SER C 7 -0.76 7.02 35.57
#